data_5XNW
#
_entry.id   5XNW
#
_cell.length_a   92.621
_cell.length_b   92.621
_cell.length_c   66.022
_cell.angle_alpha   90.00
_cell.angle_beta   90.00
_cell.angle_gamma   90.00
#
_symmetry.space_group_name_H-M   'P 41 21 2'
#
loop_
_entity.id
_entity.type
_entity.pdbx_description
1 polymer 'Adenylate cyclase ExoY'
2 non-polymer GLYCEROL
3 non-polymer 'SULFATE ION'
4 water water
#
_entity_poly.entity_id   1
_entity_poly.type   'polypeptide(L)'
_entity_poly.pdbx_seq_one_letter_code
;MRIDGHRQVVSNATAQPGPLLRPADMQARALQDLFDAQGVGVPVEHALRMQAVARQTNTVFGIRPVERIVTTLIEEGFPT
KGFSVKGKSSNWGPQAGFICVDQHLSKREDRDTAEIRKLNLAVAKGMDGGAYTQTDLRISRQRLAELVRNFGLVADGVGP
VRLLTAQGPSGKRYEFEARQEPDGLYRISRLGRSEAVQVLASPACGLAMTADYDLFLVAPSIEAHGSGGLDARRNTAVRY
TPLGAKDPLSEDGFYGREDMARGNITPRTRQLVDALNDCLGRGEHREMFHHSDDAGNPGSHMGDNFPATFYLPRAMEHRV
GEESVRFDEVCVVADRKSFSLLVECIKGNGYHFTAHPDWNVPLRPSFQEALDFFQRKV
;
_entity_poly.pdbx_strand_id   A
#
# COMPACT_ATOMS: atom_id res chain seq x y z
N MET A 26 -14.90 -18.72 -3.11
CA MET A 26 -13.93 -18.68 -2.01
C MET A 26 -14.49 -17.88 -0.85
N GLN A 27 -14.63 -18.53 0.30
CA GLN A 27 -15.25 -17.89 1.46
C GLN A 27 -14.36 -16.78 2.01
N ALA A 28 -15.01 -15.77 2.61
CA ALA A 28 -14.29 -14.60 3.11
C ALA A 28 -13.43 -14.95 4.32
N ARG A 29 -13.95 -15.78 5.23
CA ARG A 29 -13.19 -16.12 6.42
C ARG A 29 -11.97 -16.97 6.08
N ALA A 30 -12.08 -17.83 5.06
CA ALA A 30 -10.91 -18.57 4.60
C ALA A 30 -9.87 -17.62 4.03
N LEU A 31 -10.30 -16.63 3.24
CA LEU A 31 -9.35 -15.70 2.64
C LEU A 31 -8.76 -14.76 3.67
N GLN A 32 -9.55 -14.38 4.69
CA GLN A 32 -9.01 -13.55 5.76
C GLN A 32 -7.97 -14.30 6.57
N ASP A 33 -8.25 -15.57 6.89
CA ASP A 33 -7.25 -16.39 7.58
C ASP A 33 -5.99 -16.54 6.75
N LEU A 34 -6.14 -16.75 5.44
CA LEU A 34 -4.99 -16.83 4.55
C LEU A 34 -4.19 -15.54 4.57
N PHE A 35 -4.86 -14.40 4.40
CA PHE A 35 -4.16 -13.12 4.36
C PHE A 35 -3.51 -12.80 5.70
N ASP A 36 -4.17 -13.16 6.81
CA ASP A 36 -3.60 -12.90 8.13
C ASP A 36 -2.32 -13.71 8.35
N ALA A 37 -2.35 -15.00 7.98
CA ALA A 37 -1.18 -15.85 8.18
C ALA A 37 -0.04 -15.47 7.25
N GLN A 38 -0.35 -14.99 6.05
CA GLN A 38 0.67 -14.63 5.07
C GLN A 38 1.13 -13.18 5.19
N GLY A 39 0.49 -12.39 6.05
CA GLY A 39 0.86 -10.98 6.16
C GLY A 39 0.47 -10.16 4.97
N VAL A 40 -0.70 -10.42 4.39
CA VAL A 40 -1.19 -9.72 3.21
C VAL A 40 -2.15 -8.63 3.65
N GLY A 41 -1.94 -7.41 3.16
CA GLY A 41 -2.74 -6.27 3.52
C GLY A 41 -3.91 -5.95 2.61
N VAL A 42 -4.10 -6.71 1.54
CA VAL A 42 -5.25 -6.45 0.66
C VAL A 42 -6.54 -6.76 1.43
N PRO A 43 -7.49 -5.83 1.48
CA PRO A 43 -8.80 -6.17 2.08
C PRO A 43 -9.43 -7.35 1.35
N VAL A 44 -10.05 -8.23 2.12
CA VAL A 44 -10.67 -9.43 1.55
C VAL A 44 -11.72 -9.05 0.52
N GLU A 45 -12.51 -8.01 0.80
CA GLU A 45 -13.51 -7.55 -0.16
C GLU A 45 -12.86 -7.17 -1.49
N HIS A 46 -11.71 -6.48 -1.44
CA HIS A 46 -11.01 -6.12 -2.66
C HIS A 46 -10.53 -7.36 -3.40
N ALA A 47 -9.98 -8.34 -2.69
CA ALA A 47 -9.49 -9.55 -3.33
C ALA A 47 -10.61 -10.32 -4.02
N LEU A 48 -11.80 -10.34 -3.41
CA LEU A 48 -12.93 -11.02 -4.01
C LEU A 48 -13.38 -10.32 -5.29
N ARG A 49 -13.42 -8.99 -5.27
CA ARG A 49 -13.82 -8.25 -6.46
C ARG A 49 -12.76 -8.36 -7.56
N MET A 50 -11.48 -8.38 -7.19
CA MET A 50 -10.43 -8.51 -8.19
C MET A 50 -10.37 -9.94 -8.74
N GLN A 51 -10.71 -10.94 -7.94
CA GLN A 51 -10.82 -12.30 -8.47
C GLN A 51 -11.95 -12.41 -9.48
N ALA A 52 -13.04 -11.65 -9.28
CA ALA A 52 -14.13 -11.66 -10.24
C ALA A 52 -13.68 -11.12 -11.59
N VAL A 53 -12.86 -10.06 -11.59
CA VAL A 53 -12.34 -9.53 -12.84
C VAL A 53 -11.45 -10.55 -13.52
N ALA A 54 -10.66 -11.29 -12.75
CA ALA A 54 -9.87 -12.38 -13.31
C ALA A 54 -10.77 -13.41 -13.99
N ARG A 55 -11.90 -13.74 -13.36
CA ARG A 55 -12.85 -14.67 -13.97
C ARG A 55 -13.48 -14.06 -15.21
N GLN A 56 -13.96 -12.82 -15.12
CA GLN A 56 -14.68 -12.21 -16.22
C GLN A 56 -13.78 -11.96 -17.43
N THR A 57 -12.54 -11.56 -17.21
CA THR A 57 -11.59 -11.32 -18.28
C THR A 57 -10.80 -12.55 -18.67
N ASN A 58 -10.99 -13.67 -17.97
CA ASN A 58 -10.23 -14.90 -18.19
C ASN A 58 -8.73 -14.60 -18.24
N THR A 59 -8.25 -13.92 -17.20
CA THR A 59 -6.87 -13.46 -17.16
C THR A 59 -6.31 -13.66 -15.75
N VAL A 60 -5.14 -14.30 -15.67
CA VAL A 60 -4.40 -14.38 -14.42
C VAL A 60 -3.57 -13.12 -14.27
N PHE A 61 -3.55 -12.56 -13.06
CA PHE A 61 -2.71 -11.40 -12.80
C PHE A 61 -2.24 -11.42 -11.35
N GLY A 62 -1.07 -10.86 -11.12
CA GLY A 62 -0.48 -10.82 -9.79
C GLY A 62 -0.18 -9.39 -9.37
N ILE A 63 -0.24 -9.15 -8.07
CA ILE A 63 -0.06 -7.83 -7.49
C ILE A 63 1.11 -7.88 -6.51
N ARG A 64 1.95 -6.85 -6.54
CA ARG A 64 3.10 -6.71 -5.65
C ARG A 64 2.66 -6.67 -4.19
N PRO A 65 3.58 -6.83 -3.24
CA PRO A 65 3.17 -6.91 -1.82
C PRO A 65 2.40 -5.68 -1.36
N VAL A 66 1.34 -5.94 -0.60
CA VAL A 66 0.59 -4.91 0.11
C VAL A 66 0.67 -5.25 1.59
N GLU A 67 1.39 -4.41 2.35
CA GLU A 67 1.61 -4.68 3.76
C GLU A 67 0.33 -4.43 4.55
N ARG A 68 0.18 -5.15 5.67
CA ARG A 68 -0.98 -4.97 6.52
C ARG A 68 -0.99 -3.61 7.20
N ILE A 69 0.14 -2.91 7.23
CA ILE A 69 0.21 -1.60 7.86
C ILE A 69 -0.47 -0.50 7.05
N VAL A 70 -0.89 -0.80 5.82
CA VAL A 70 -1.64 0.15 5.00
C VAL A 70 -3.09 -0.25 4.81
N THR A 71 -3.51 -1.39 5.36
CA THR A 71 -4.88 -1.86 5.16
C THR A 71 -5.89 -0.83 5.62
N THR A 72 -5.68 -0.25 6.81
CA THR A 72 -6.61 0.74 7.33
C THR A 72 -6.66 1.97 6.43
N LEU A 73 -5.51 2.41 5.93
CA LEU A 73 -5.49 3.58 5.05
C LEU A 73 -6.27 3.31 3.77
N ILE A 74 -6.19 2.09 3.24
CA ILE A 74 -6.96 1.74 2.04
C ILE A 74 -8.46 1.77 2.35
N GLU A 75 -8.85 1.16 3.47
CA GLU A 75 -10.26 1.09 3.83
C GLU A 75 -10.82 2.46 4.19
N GLU A 76 -9.97 3.37 4.67
CA GLU A 76 -10.42 4.72 5.00
C GLU A 76 -10.57 5.61 3.77
N GLY A 77 -10.15 5.15 2.60
CA GLY A 77 -10.37 5.87 1.37
C GLY A 77 -9.26 6.76 0.89
N PHE A 78 -8.07 6.66 1.47
CA PHE A 78 -6.96 7.51 1.04
C PHE A 78 -6.58 7.18 -0.40
N PRO A 79 -6.21 8.17 -1.20
CA PRO A 79 -5.70 7.88 -2.55
C PRO A 79 -4.34 7.19 -2.47
N THR A 80 -3.87 6.75 -3.64
CA THR A 80 -2.63 5.99 -3.72
C THR A 80 -1.65 6.68 -4.66
N LYS A 81 -0.37 6.33 -4.49
CA LYS A 81 0.69 6.93 -5.27
C LYS A 81 0.76 6.32 -6.66
N GLY A 82 1.21 7.13 -7.63
CA GLY A 82 1.45 6.67 -8.97
C GLY A 82 2.93 6.44 -9.25
N PHE A 83 3.23 6.14 -10.51
CA PHE A 83 4.62 5.91 -10.90
C PHE A 83 5.44 7.20 -10.84
N SER A 84 4.80 8.35 -11.01
CA SER A 84 5.48 9.63 -10.96
C SER A 84 5.77 10.10 -9.53
N VAL A 85 5.33 9.36 -8.53
CA VAL A 85 5.57 9.72 -7.13
C VAL A 85 6.91 9.13 -6.71
N LYS A 86 7.85 10.02 -6.35
CA LYS A 86 9.17 9.61 -5.91
C LYS A 86 9.28 9.73 -4.40
N GLY A 87 10.14 8.90 -3.81
CA GLY A 87 10.33 8.88 -2.38
C GLY A 87 9.91 7.57 -1.76
N LYS A 88 10.47 7.25 -0.60
CA LYS A 88 10.17 6.00 0.08
C LYS A 88 9.10 6.22 1.14
N SER A 89 8.23 5.22 1.29
CA SER A 89 7.16 5.30 2.28
C SER A 89 7.72 5.06 3.68
N SER A 90 6.83 5.04 4.67
CA SER A 90 7.20 4.84 6.06
C SER A 90 6.55 3.58 6.59
N ASN A 91 7.31 2.81 7.38
CA ASN A 91 6.80 1.62 8.04
C ASN A 91 6.83 1.74 9.55
N TRP A 92 6.95 2.96 10.07
CA TRP A 92 7.01 3.19 11.50
C TRP A 92 6.42 4.55 11.81
N GLY A 93 6.05 4.74 13.08
CA GLY A 93 5.54 6.00 13.55
C GLY A 93 4.13 6.31 13.06
N PRO A 94 3.60 7.46 13.47
CA PRO A 94 2.28 7.87 12.97
C PRO A 94 2.25 8.12 11.48
N GLN A 95 3.42 8.31 10.86
CA GLN A 95 3.52 8.51 9.42
C GLN A 95 3.51 7.22 8.63
N ALA A 96 3.28 6.09 9.30
CA ALA A 96 3.34 4.79 8.63
C ALA A 96 2.29 4.69 7.53
N GLY A 97 2.71 4.20 6.37
CA GLY A 97 1.83 4.07 5.23
C GLY A 97 1.80 5.25 4.30
N PHE A 98 2.49 6.34 4.64
CA PHE A 98 2.54 7.54 3.81
C PHE A 98 3.98 7.80 3.38
N ILE A 99 4.15 8.81 2.54
CA ILE A 99 5.46 9.20 2.03
C ILE A 99 5.75 10.60 2.56
N CYS A 100 6.72 10.70 3.47
CA CYS A 100 7.05 11.97 4.09
C CYS A 100 7.91 12.82 3.17
N VAL A 101 7.64 14.13 3.18
CA VAL A 101 8.49 15.07 2.44
C VAL A 101 9.92 15.00 2.98
N ASP A 102 10.06 14.89 4.29
CA ASP A 102 11.36 14.67 4.93
C ASP A 102 11.62 13.17 4.97
N GLN A 103 12.51 12.68 4.11
CA GLN A 103 12.76 11.24 4.01
C GLN A 103 13.48 10.67 5.23
N HIS A 104 13.90 11.52 6.18
N HIS A 104 13.92 11.52 6.16
CA HIS A 104 14.43 11.01 7.43
CA HIS A 104 14.42 11.03 7.44
C HIS A 104 13.37 10.27 8.24
C HIS A 104 13.36 10.21 8.18
N LEU A 105 12.09 10.45 7.90
CA LEU A 105 11.00 9.76 8.58
C LEU A 105 10.48 8.56 7.79
N SER A 106 11.13 8.21 6.69
CA SER A 106 10.73 7.06 5.89
C SER A 106 11.32 5.78 6.48
N LYS A 107 11.09 4.66 5.79
CA LYS A 107 11.69 3.40 6.22
C LYS A 107 13.19 3.36 5.98
N ARG A 108 13.73 4.33 5.24
CA ARG A 108 15.17 4.47 5.04
C ARG A 108 15.83 5.31 6.13
N GLU A 109 15.17 5.46 7.28
CA GLU A 109 15.75 6.18 8.42
C GLU A 109 17.07 5.57 8.88
N ASP A 110 17.37 4.34 8.46
CA ASP A 110 18.65 3.72 8.79
C ASP A 110 19.81 4.42 8.07
N ARG A 111 19.59 4.89 6.85
CA ARG A 111 20.67 5.23 5.94
C ARG A 111 21.37 6.52 6.36
N ASP A 112 22.47 6.82 5.68
CA ASP A 112 23.36 7.92 6.06
C ASP A 112 22.82 9.24 5.50
N THR A 113 23.65 10.29 5.60
CA THR A 113 23.22 11.63 5.19
C THR A 113 23.01 11.71 3.69
N ALA A 114 23.96 11.17 2.91
CA ALA A 114 23.92 11.34 1.46
C ALA A 114 22.69 10.67 0.84
N GLU A 115 22.34 9.47 1.31
CA GLU A 115 21.21 8.76 0.73
C GLU A 115 19.90 9.45 1.05
N ILE A 116 19.77 10.03 2.25
CA ILE A 116 18.54 10.73 2.60
C ILE A 116 18.41 12.02 1.81
N ARG A 117 19.50 12.77 1.66
CA ARG A 117 19.44 14.00 0.88
C ARG A 117 19.13 13.72 -0.58
N LYS A 118 19.61 12.60 -1.11
CA LYS A 118 19.23 12.20 -2.47
C LYS A 118 17.76 11.84 -2.53
N LEU A 119 17.25 11.12 -1.52
CA LEU A 119 15.83 10.85 -1.44
C LEU A 119 15.03 12.14 -1.25
N ASN A 120 15.58 13.09 -0.49
CA ASN A 120 14.93 14.38 -0.34
C ASN A 120 14.91 15.17 -1.64
N LEU A 121 16.04 15.18 -2.35
CA LEU A 121 16.10 15.88 -3.63
C LEU A 121 15.14 15.27 -4.64
N ALA A 122 15.07 13.94 -4.67
CA ALA A 122 14.13 13.27 -5.56
C ALA A 122 12.69 13.64 -5.22
N VAL A 123 12.37 13.67 -3.92
CA VAL A 123 11.04 14.13 -3.50
C VAL A 123 10.84 15.60 -3.87
N ALA A 124 11.87 16.42 -3.67
CA ALA A 124 11.77 17.82 -4.05
C ALA A 124 11.71 17.99 -5.57
N LYS A 125 12.36 17.10 -6.32
CA LYS A 125 12.35 17.19 -7.77
C LYS A 125 10.94 16.98 -8.33
N GLY A 126 10.26 15.90 -7.89
CA GLY A 126 8.90 15.66 -8.34
C GLY A 126 7.91 16.67 -7.80
N MET A 127 8.21 17.28 -6.66
CA MET A 127 7.33 18.32 -6.12
C MET A 127 7.28 19.54 -7.02
N ASP A 128 8.38 19.83 -7.73
CA ASP A 128 8.43 20.94 -8.67
C ASP A 128 7.74 20.55 -9.98
N GLY A 129 6.44 20.30 -9.87
CA GLY A 129 5.65 19.88 -11.01
C GLY A 129 4.28 19.41 -10.56
N GLY A 130 3.45 19.10 -11.55
CA GLY A 130 2.10 18.65 -11.29
C GLY A 130 2.00 17.17 -10.95
N ALA A 131 3.13 16.58 -10.55
CA ALA A 131 3.14 15.17 -10.20
C ALA A 131 2.40 14.91 -8.90
N TYR A 132 2.77 15.65 -7.84
CA TYR A 132 2.15 15.48 -6.54
C TYR A 132 2.40 16.75 -5.74
N THR A 133 1.68 16.87 -4.61
CA THR A 133 1.86 18.01 -3.70
C THR A 133 2.17 17.49 -2.30
N GLN A 134 2.00 18.33 -1.28
CA GLN A 134 2.22 17.94 0.10
C GLN A 134 1.04 18.38 0.94
N THR A 135 0.85 17.70 2.06
CA THR A 135 -0.22 18.02 3.00
C THR A 135 0.21 17.64 4.41
N ASP A 136 -0.58 18.10 5.38
CA ASP A 136 -0.32 17.77 6.77
C ASP A 136 -0.68 16.31 7.05
N LEU A 137 0.17 15.64 7.82
CA LEU A 137 -0.15 14.30 8.28
C LEU A 137 -1.32 14.36 9.25
N ARG A 138 -2.42 13.71 8.88
CA ARG A 138 -3.65 13.73 9.68
C ARG A 138 -4.23 12.32 9.68
N ILE A 139 -4.32 11.72 10.87
CA ILE A 139 -4.78 10.34 11.01
C ILE A 139 -5.86 10.28 12.09
N SER A 140 -6.67 9.23 12.01
CA SER A 140 -7.85 9.09 12.86
C SER A 140 -7.52 8.37 14.16
N ARG A 141 -8.45 8.45 15.10
CA ARG A 141 -8.33 7.73 16.37
C ARG A 141 -8.11 6.24 16.15
N GLN A 142 -8.89 5.66 15.22
CA GLN A 142 -8.76 4.22 14.96
C GLN A 142 -7.39 3.88 14.38
N ARG A 143 -6.85 4.74 13.52
CA ARG A 143 -5.52 4.52 12.99
C ARG A 143 -4.48 4.59 14.10
N LEU A 144 -4.61 5.55 15.02
CA LEU A 144 -3.67 5.65 16.14
C LEU A 144 -3.72 4.39 17.00
N ALA A 145 -4.93 3.93 17.33
CA ALA A 145 -5.06 2.75 18.18
C ALA A 145 -4.47 1.51 17.52
N GLU A 146 -4.64 1.39 16.20
CA GLU A 146 -4.09 0.24 15.49
C GLU A 146 -2.57 0.28 15.48
N LEU A 147 -1.99 1.44 15.24
CA LEU A 147 -0.53 1.57 15.26
C LEU A 147 0.03 1.26 16.64
N VAL A 148 -0.68 1.69 17.69
CA VAL A 148 -0.25 1.38 19.05
C VAL A 148 -0.37 -0.12 19.31
N ARG A 149 -1.47 -0.73 18.88
CA ARG A 149 -1.72 -2.12 19.21
C ARG A 149 -0.83 -3.07 18.43
N ASN A 150 -0.58 -2.78 17.14
CA ASN A 150 0.05 -3.74 16.25
C ASN A 150 1.41 -3.33 15.72
N PHE A 151 1.72 -2.04 15.64
CA PHE A 151 2.92 -1.61 14.91
C PHE A 151 3.84 -0.75 15.77
N GLY A 152 3.88 -1.01 17.07
CA GLY A 152 4.93 -0.49 17.93
C GLY A 152 4.85 0.98 18.28
N LEU A 153 3.75 1.65 17.97
CA LEU A 153 3.60 3.05 18.36
C LEU A 153 3.21 3.14 19.83
N VAL A 154 3.74 4.14 20.52
CA VAL A 154 3.35 4.46 21.88
C VAL A 154 2.59 5.78 21.86
N ALA A 155 1.47 5.83 22.56
CA ALA A 155 0.62 7.01 22.62
C ALA A 155 0.25 7.28 24.07
N ASP A 156 0.66 8.44 24.57
CA ASP A 156 0.37 8.85 25.94
C ASP A 156 -0.65 9.98 25.95
N GLY A 157 -1.46 10.03 27.00
CA GLY A 157 -2.50 11.02 27.11
C GLY A 157 -3.83 10.53 26.56
N VAL A 158 -4.86 11.35 26.79
CA VAL A 158 -6.20 11.07 26.31
C VAL A 158 -6.75 12.33 25.65
N GLY A 159 -7.97 12.22 25.13
CA GLY A 159 -8.66 13.36 24.59
C GLY A 159 -8.07 13.89 23.30
N PRO A 160 -8.14 15.20 23.10
CA PRO A 160 -7.74 15.78 21.80
C PRO A 160 -6.23 15.92 21.60
N VAL A 161 -5.43 15.86 22.66
CA VAL A 161 -3.98 16.02 22.56
C VAL A 161 -3.32 14.79 23.15
N ARG A 162 -2.41 14.17 22.39
CA ARG A 162 -1.67 13.00 22.81
C ARG A 162 -0.21 13.17 22.43
N LEU A 163 0.67 12.50 23.17
CA LEU A 163 2.10 12.52 22.92
C LEU A 163 2.51 11.15 22.39
N LEU A 164 3.07 11.12 21.19
CA LEU A 164 3.43 9.88 20.52
C LEU A 164 4.93 9.65 20.59
N THR A 165 5.32 8.41 20.84
CA THR A 165 6.71 7.99 20.81
C THR A 165 6.84 6.82 19.83
N ALA A 166 7.78 6.93 18.90
CA ALA A 166 8.00 5.89 17.90
C ALA A 166 9.49 5.65 17.74
N GLN A 167 9.86 4.39 17.55
CA GLN A 167 11.25 4.01 17.38
C GLN A 167 11.53 3.78 15.90
N GLY A 168 12.48 4.53 15.35
CA GLY A 168 12.90 4.35 13.98
C GLY A 168 13.73 3.10 13.80
N PRO A 169 13.96 2.72 12.54
CA PRO A 169 14.77 1.51 12.30
C PRO A 169 16.19 1.60 12.84
N SER A 170 16.73 2.81 13.02
CA SER A 170 18.05 2.96 13.62
C SER A 170 18.04 2.79 15.13
N GLY A 171 16.87 2.59 15.73
CA GLY A 171 16.74 2.51 17.17
C GLY A 171 16.48 3.83 17.86
N LYS A 172 16.74 4.95 17.18
CA LYS A 172 16.42 6.26 17.74
C LYS A 172 14.92 6.40 17.88
N ARG A 173 14.49 7.06 18.96
CA ARG A 173 13.08 7.28 19.23
C ARG A 173 12.68 8.70 18.89
N TYR A 174 11.54 8.84 18.23
CA TYR A 174 11.04 10.12 17.75
C TYR A 174 9.74 10.44 18.47
N GLU A 175 9.55 11.72 18.82
CA GLU A 175 8.38 12.15 19.54
C GLU A 175 7.49 13.02 18.67
N PHE A 176 6.19 12.79 18.76
CA PHE A 176 5.21 13.53 17.97
C PHE A 176 4.07 13.97 18.87
N GLU A 177 3.49 15.12 18.55
CA GLU A 177 2.24 15.56 19.14
C GLU A 177 1.10 15.20 18.21
N ALA A 178 0.05 14.62 18.76
CA ALA A 178 -1.19 14.34 18.03
C ALA A 178 -2.25 15.31 18.53
N ARG A 179 -2.66 16.24 17.68
CA ARG A 179 -3.59 17.29 18.05
C ARG A 179 -4.83 17.19 17.17
N GLN A 180 -5.99 17.01 17.80
CA GLN A 180 -7.24 16.83 17.07
C GLN A 180 -7.66 18.15 16.42
N GLU A 181 -7.97 18.09 15.14
CA GLU A 181 -8.49 19.23 14.39
C GLU A 181 -10.01 19.17 14.35
N PRO A 182 -10.68 20.25 13.93
CA PRO A 182 -12.15 20.30 14.07
C PRO A 182 -12.90 19.20 13.34
N ASP A 183 -12.32 18.55 12.32
CA ASP A 183 -13.04 17.49 11.64
C ASP A 183 -12.84 16.11 12.26
N GLY A 184 -12.09 16.02 13.36
CA GLY A 184 -11.93 14.78 14.09
C GLY A 184 -10.60 14.08 13.88
N LEU A 185 -9.84 14.46 12.86
CA LEU A 185 -8.54 13.85 12.63
C LEU A 185 -7.50 14.45 13.56
N TYR A 186 -6.47 13.66 13.86
CA TYR A 186 -5.34 14.11 14.65
C TYR A 186 -4.25 14.61 13.74
N ARG A 187 -3.95 15.91 13.80
CA ARG A 187 -2.82 16.47 13.07
C ARG A 187 -1.54 16.07 13.78
N ILE A 188 -0.58 15.55 13.02
CA ILE A 188 0.65 14.99 13.59
C ILE A 188 1.79 15.96 13.33
N SER A 189 2.46 16.38 14.40
CA SER A 189 3.62 17.26 14.32
C SER A 189 4.72 16.69 15.21
N ARG A 190 5.96 16.85 14.76
CA ARG A 190 7.09 16.51 15.62
C ARG A 190 7.08 17.40 16.85
N LEU A 191 7.34 16.78 18.00
CA LEU A 191 7.15 17.44 19.29
C LEU A 191 7.94 18.75 19.35
N GLY A 192 7.28 19.80 19.84
CA GLY A 192 7.90 21.11 19.96
C GLY A 192 7.85 21.95 18.70
N ARG A 193 7.51 21.38 17.56
CA ARG A 193 7.44 22.11 16.30
C ARG A 193 6.01 22.53 16.00
N SER A 194 5.87 23.68 15.32
CA SER A 194 4.57 24.19 14.93
C SER A 194 4.09 23.58 13.62
N GLU A 195 5.00 23.23 12.72
CA GLU A 195 4.61 22.68 11.43
C GLU A 195 4.28 21.20 11.58
N ALA A 196 3.17 20.78 10.97
CA ALA A 196 2.82 19.37 10.96
C ALA A 196 3.78 18.59 10.06
N VAL A 197 3.83 17.28 10.29
CA VAL A 197 4.61 16.41 9.41
C VAL A 197 4.01 16.45 8.02
N GLN A 198 4.85 16.74 7.03
CA GLN A 198 4.39 16.88 5.65
C GLN A 198 4.50 15.54 4.92
N VAL A 199 3.42 15.13 4.27
CA VAL A 199 3.38 13.90 3.50
C VAL A 199 2.89 14.22 2.10
N LEU A 200 3.32 13.41 1.13
CA LEU A 200 2.94 13.63 -0.25
C LEU A 200 1.45 13.41 -0.43
N ALA A 201 0.83 14.30 -1.21
CA ALA A 201 -0.63 14.30 -1.37
C ALA A 201 -1.01 14.23 -2.85
N SER A 202 -2.22 13.74 -3.08
CA SER A 202 -2.74 13.70 -4.44
C SER A 202 -3.06 15.11 -4.92
N PRO A 203 -2.57 15.52 -6.09
CA PRO A 203 -2.89 16.87 -6.58
C PRO A 203 -4.38 17.07 -6.87
N ALA A 204 -5.13 16.00 -7.09
CA ALA A 204 -6.55 16.12 -7.43
C ALA A 204 -7.39 16.38 -6.19
N CYS A 205 -7.32 15.49 -5.20
CA CYS A 205 -8.18 15.57 -4.03
C CYS A 205 -7.48 16.16 -2.80
N GLY A 206 -6.17 16.39 -2.87
CA GLY A 206 -5.46 17.01 -1.76
C GLY A 206 -5.22 16.13 -0.57
N LEU A 207 -5.58 14.85 -0.63
CA LEU A 207 -5.39 13.94 0.49
C LEU A 207 -4.04 13.25 0.38
N ALA A 208 -3.54 12.79 1.51
CA ALA A 208 -2.28 12.04 1.54
C ALA A 208 -2.43 10.71 0.80
N MET A 209 -1.39 10.33 0.09
CA MET A 209 -1.40 9.11 -0.72
C MET A 209 -0.74 7.97 0.04
N THR A 210 -1.33 6.78 -0.06
CA THR A 210 -0.76 5.57 0.51
C THR A 210 -0.29 4.67 -0.64
N ALA A 211 0.04 3.42 -0.31
CA ALA A 211 0.54 2.50 -1.31
C ALA A 211 -0.56 2.05 -2.27
N ASP A 212 -0.17 1.76 -3.50
CA ASP A 212 -1.09 1.35 -4.56
C ASP A 212 -1.05 -0.16 -4.74
N TYR A 213 -1.93 -0.65 -5.60
CA TYR A 213 -1.88 -2.03 -6.09
C TYR A 213 -1.06 -2.04 -7.37
N ASP A 214 0.09 -2.70 -7.33
CA ASP A 214 1.03 -2.69 -8.44
C ASP A 214 0.97 -4.02 -9.16
N LEU A 215 0.39 -4.02 -10.36
CA LEU A 215 0.42 -5.19 -11.22
C LEU A 215 1.85 -5.47 -11.67
N PHE A 216 2.33 -6.69 -11.41
CA PHE A 216 3.64 -7.09 -11.90
C PHE A 216 3.61 -8.33 -12.78
N LEU A 217 2.46 -8.97 -12.94
CA LEU A 217 2.29 -10.06 -13.88
C LEU A 217 0.87 -10.02 -14.42
N VAL A 218 0.73 -10.20 -15.74
CA VAL A 218 -0.56 -10.26 -16.41
C VAL A 218 -0.49 -11.40 -17.41
N ALA A 219 -1.29 -12.45 -17.19
CA ALA A 219 -1.28 -13.64 -18.03
C ALA A 219 -2.68 -13.88 -18.57
N PRO A 220 -3.01 -13.36 -19.74
CA PRO A 220 -4.32 -13.63 -20.35
C PRO A 220 -4.38 -15.05 -20.89
N SER A 221 -5.62 -15.51 -21.13
CA SER A 221 -5.84 -16.86 -21.62
C SER A 221 -5.70 -16.92 -23.13
N ILE A 222 -5.07 -18.01 -23.61
CA ILE A 222 -5.01 -18.24 -25.05
C ILE A 222 -6.37 -18.63 -25.59
N GLU A 223 -7.08 -19.50 -24.88
CA GLU A 223 -8.41 -19.95 -25.30
C GLU A 223 -9.50 -19.27 -24.48
N PRO A 267 2.49 -2.99 -24.10
CA PRO A 267 1.84 -2.93 -22.79
C PRO A 267 0.32 -2.91 -22.88
N ARG A 268 -0.29 -4.07 -23.10
CA ARG A 268 -1.75 -4.18 -23.18
C ARG A 268 -2.28 -4.57 -21.80
N THR A 269 -2.29 -3.58 -20.90
CA THR A 269 -2.82 -3.76 -19.55
C THR A 269 -3.79 -2.66 -19.16
N ARG A 270 -3.99 -1.65 -20.00
CA ARG A 270 -4.87 -0.54 -19.65
C ARG A 270 -6.30 -1.02 -19.45
N GLN A 271 -6.75 -1.97 -20.28
CA GLN A 271 -8.11 -2.47 -20.14
C GLN A 271 -8.31 -3.19 -18.81
N LEU A 272 -7.32 -3.99 -18.40
CA LEU A 272 -7.41 -4.66 -17.12
C LEU A 272 -7.36 -3.68 -15.96
N VAL A 273 -6.50 -2.66 -16.05
CA VAL A 273 -6.41 -1.65 -15.02
C VAL A 273 -7.75 -0.92 -14.86
N ASP A 274 -8.37 -0.55 -15.97
CA ASP A 274 -9.66 0.13 -15.91
C ASP A 274 -10.74 -0.80 -15.36
N ALA A 275 -10.72 -2.07 -15.76
CA ALA A 275 -11.70 -3.02 -15.24
C ALA A 275 -11.50 -3.24 -13.75
N LEU A 276 -10.25 -3.27 -13.29
CA LEU A 276 -9.97 -3.47 -11.87
C LEU A 276 -10.41 -2.25 -11.05
N ASN A 277 -10.09 -1.04 -11.53
CA ASN A 277 -10.51 0.16 -10.83
C ASN A 277 -12.03 0.30 -10.79
N ASP A 278 -12.70 -0.13 -11.86
CA ASP A 278 -14.16 -0.06 -11.89
C ASP A 278 -14.77 -1.00 -10.86
N CYS A 279 -14.25 -2.23 -10.75
CA CYS A 279 -14.84 -3.20 -9.84
CA CYS A 279 -14.83 -3.20 -9.83
C CYS A 279 -14.60 -2.82 -8.38
N LEU A 280 -13.52 -2.11 -8.08
CA LEU A 280 -13.26 -1.68 -6.71
C LEU A 280 -14.13 -0.50 -6.32
N GLY A 281 -14.43 0.38 -7.28
CA GLY A 281 -15.37 1.48 -7.05
C GLY A 281 -15.01 2.40 -5.91
N ARG A 282 -13.72 2.67 -5.72
CA ARG A 282 -13.31 3.57 -4.64
C ARG A 282 -13.68 5.02 -4.91
N GLY A 283 -14.04 5.37 -6.13
CA GLY A 283 -14.38 6.73 -6.48
C GLY A 283 -13.28 7.40 -7.28
N GLU A 284 -13.64 8.56 -7.84
CA GLU A 284 -12.71 9.30 -8.68
C GLU A 284 -11.49 9.74 -7.90
N HIS A 285 -10.32 9.63 -8.51
CA HIS A 285 -9.04 10.02 -7.94
C HIS A 285 -8.67 9.20 -6.71
N ARG A 286 -9.29 8.03 -6.53
CA ARG A 286 -8.99 7.13 -5.43
C ARG A 286 -8.65 5.74 -5.95
N GLU A 287 -8.12 5.67 -7.17
CA GLU A 287 -7.85 4.39 -7.82
C GLU A 287 -6.71 3.66 -7.11
N MET A 288 -6.81 2.34 -7.06
CA MET A 288 -5.71 1.52 -6.55
C MET A 288 -4.68 1.23 -7.62
N PHE A 289 -5.11 1.05 -8.87
CA PHE A 289 -4.23 0.76 -9.99
C PHE A 289 -4.00 2.01 -10.82
N HIS A 290 -2.77 2.19 -11.27
CA HIS A 290 -2.37 3.34 -12.08
C HIS A 290 -1.78 2.85 -13.39
N HIS A 291 -1.98 3.65 -14.45
CA HIS A 291 -1.45 3.34 -15.77
C HIS A 291 0.04 3.62 -15.78
N SER A 292 0.84 2.56 -15.85
CA SER A 292 2.30 2.68 -15.84
C SER A 292 2.95 1.36 -16.24
N ASP A 304 10.68 -7.51 -1.95
CA ASP A 304 10.27 -6.39 -2.77
C ASP A 304 9.15 -6.80 -3.74
N ASN A 305 9.24 -8.04 -4.23
CA ASN A 305 8.21 -8.60 -5.09
C ASN A 305 7.29 -9.57 -4.37
N PHE A 306 7.69 -10.09 -3.22
CA PHE A 306 6.93 -11.08 -2.48
C PHE A 306 6.84 -10.68 -1.02
N PRO A 307 5.78 -11.10 -0.31
CA PRO A 307 4.66 -11.94 -0.78
C PRO A 307 3.72 -11.23 -1.75
N ALA A 308 3.44 -11.88 -2.86
CA ALA A 308 2.52 -11.36 -3.86
C ALA A 308 1.21 -12.15 -3.82
N THR A 309 0.13 -11.48 -4.18
CA THR A 309 -1.18 -12.11 -4.31
C THR A 309 -1.52 -12.28 -5.78
N PHE A 310 -2.05 -13.44 -6.13
CA PHE A 310 -2.42 -13.75 -7.50
C PHE A 310 -3.90 -14.07 -7.59
N TYR A 311 -4.49 -13.74 -8.74
CA TYR A 311 -5.93 -13.81 -8.93
C TYR A 311 -6.22 -14.58 -10.20
N LEU A 312 -6.85 -15.73 -10.06
CA LEU A 312 -7.05 -16.69 -11.12
C LEU A 312 -8.52 -16.80 -11.47
N PRO A 313 -8.86 -17.03 -12.74
CA PRO A 313 -10.27 -17.25 -13.10
C PRO A 313 -10.88 -18.44 -12.41
N ARG A 314 -10.07 -19.43 -12.06
CA ARG A 314 -10.53 -20.64 -11.39
C ARG A 314 -9.33 -21.26 -10.67
N ALA A 315 -9.63 -22.13 -9.71
CA ALA A 315 -8.57 -22.87 -9.05
C ALA A 315 -7.88 -23.80 -10.06
N MET A 316 -6.56 -23.79 -10.05
CA MET A 316 -5.77 -24.54 -11.01
C MET A 316 -4.90 -25.56 -10.31
N GLU A 317 -4.73 -26.73 -10.94
CA GLU A 317 -3.89 -27.79 -10.42
C GLU A 317 -2.84 -28.17 -11.45
N HIS A 318 -1.67 -28.57 -10.97
CA HIS A 318 -0.58 -29.00 -11.84
C HIS A 318 0.46 -29.79 -11.05
N SER A 324 1.72 -32.93 -7.23
CA SER A 324 0.47 -32.32 -7.67
C SER A 324 0.03 -31.20 -6.73
N VAL A 325 0.35 -29.96 -7.10
CA VAL A 325 0.02 -28.80 -6.28
C VAL A 325 -1.17 -28.08 -6.90
N ARG A 326 -1.85 -27.29 -6.08
CA ARG A 326 -3.06 -26.59 -6.50
C ARG A 326 -3.03 -25.16 -6.00
N PHE A 327 -3.32 -24.21 -6.89
CA PHE A 327 -3.46 -22.80 -6.54
C PHE A 327 -4.93 -22.42 -6.60
N ASP A 328 -5.42 -21.76 -5.56
CA ASP A 328 -6.81 -21.39 -5.50
C ASP A 328 -7.06 -20.08 -6.25
N GLU A 329 -8.35 -19.73 -6.39
CA GLU A 329 -8.72 -18.54 -7.16
C GLU A 329 -8.03 -17.29 -6.63
N VAL A 330 -7.82 -17.20 -5.32
CA VAL A 330 -6.94 -16.21 -4.72
C VAL A 330 -5.86 -16.95 -3.96
N CYS A 331 -4.60 -16.65 -4.26
CA CYS A 331 -3.48 -17.32 -3.61
C CYS A 331 -2.38 -16.32 -3.34
N VAL A 332 -1.48 -16.71 -2.43
CA VAL A 332 -0.33 -15.90 -2.04
C VAL A 332 0.93 -16.67 -2.42
N VAL A 333 1.85 -16.00 -3.10
CA VAL A 333 3.16 -16.57 -3.43
C VAL A 333 4.18 -15.88 -2.53
N ALA A 334 4.80 -16.65 -1.65
CA ALA A 334 5.61 -16.07 -0.59
C ALA A 334 7.04 -15.75 -1.03
N ASP A 335 7.57 -16.44 -2.04
CA ASP A 335 8.94 -16.20 -2.46
C ASP A 335 9.09 -16.59 -3.93
N ARG A 336 10.32 -16.49 -4.42
CA ARG A 336 10.61 -16.76 -5.83
C ARG A 336 10.35 -18.22 -6.19
N LYS A 337 10.58 -19.15 -5.26
CA LYS A 337 10.34 -20.56 -5.55
C LYS A 337 8.86 -20.84 -5.78
N SER A 338 8.00 -20.30 -4.91
CA SER A 338 6.57 -20.43 -5.12
C SER A 338 6.13 -19.78 -6.42
N PHE A 339 6.77 -18.65 -6.78
CA PHE A 339 6.46 -17.99 -8.04
C PHE A 339 6.82 -18.86 -9.23
N SER A 340 7.96 -19.56 -9.15
CA SER A 340 8.36 -20.43 -10.26
C SER A 340 7.36 -21.56 -10.46
N LEU A 341 6.83 -22.09 -9.38
CA LEU A 341 5.84 -23.17 -9.50
C LEU A 341 4.51 -22.63 -10.01
N LEU A 342 4.13 -21.41 -9.61
CA LEU A 342 2.90 -20.82 -10.10
C LEU A 342 3.00 -20.53 -11.60
N VAL A 343 4.15 -20.04 -12.06
CA VAL A 343 4.35 -19.76 -13.47
C VAL A 343 4.13 -21.01 -14.30
N GLU A 344 4.74 -22.13 -13.87
CA GLU A 344 4.55 -23.39 -14.59
C GLU A 344 3.10 -23.84 -14.56
N CYS A 345 2.37 -23.51 -13.50
CA CYS A 345 0.98 -23.93 -13.41
C CYS A 345 0.09 -23.14 -14.37
N ILE A 346 0.30 -21.83 -14.48
CA ILE A 346 -0.55 -21.03 -15.35
C ILE A 346 -0.19 -21.26 -16.81
N LYS A 347 1.09 -21.51 -17.10
CA LYS A 347 1.48 -21.84 -18.47
C LYS A 347 0.95 -23.22 -18.86
N GLY A 348 0.94 -24.16 -17.92
CA GLY A 348 0.37 -25.48 -18.19
C GLY A 348 -1.12 -25.47 -18.40
N ASN A 349 -1.82 -24.46 -17.88
CA ASN A 349 -3.26 -24.34 -18.06
C ASN A 349 -3.62 -23.41 -19.22
N GLY A 350 -2.65 -23.03 -20.04
CA GLY A 350 -2.93 -22.26 -21.23
C GLY A 350 -2.93 -20.76 -21.08
N TYR A 351 -2.19 -20.23 -20.11
CA TYR A 351 -2.11 -18.80 -19.88
C TYR A 351 -0.69 -18.33 -20.17
N HIS A 352 -0.58 -17.36 -21.09
CA HIS A 352 0.71 -16.88 -21.56
C HIS A 352 0.98 -15.49 -20.99
N PHE A 353 2.25 -15.23 -20.68
CA PHE A 353 2.69 -13.91 -20.25
C PHE A 353 4.16 -13.75 -20.64
N THR A 354 4.51 -12.54 -21.07
CA THR A 354 5.88 -12.24 -21.51
C THR A 354 6.23 -10.84 -21.00
N ALA A 355 7.04 -10.78 -19.96
CA ALA A 355 7.47 -9.50 -19.39
C ALA A 355 8.99 -9.42 -19.35
#